data_4Z8Z
#
_entry.id   4Z8Z
#
_cell.length_a   141.353
_cell.length_b   141.353
_cell.length_c   112.676
_cell.angle_alpha   90.00
_cell.angle_beta   90.00
_cell.angle_gamma   120.00
#
_symmetry.space_group_name_H-M   'H 3 2'
#
loop_
_entity.id
_entity.type
_entity.pdbx_description
1 polymer 'Uncharacterized protein'
2 water water
#
_entity_poly.entity_id   1
_entity_poly.type   'polypeptide(L)'
_entity_poly.pdbx_seq_one_letter_code
;(MSE)NEASSKFVDNIAIEKLLNEKLLRVSHRPKNLFYDDEKVFDDLCKCETD(MSE)SKVKLAEGDKNLKRFEFPSFLK
TEEYIENNIVYLYYHPAKDPVCNILLLHGLYDDN(MSE)LNYGFLTR(MSE)LNELKFNVFL(MSE)ELPFHFNRKPAES
FFSGEYFISADLLRARNAFIQSIYDIEASRNLIGNINTLPCLLVGFS(MSE)GGCISFRYH(MSE)LRDSFKGTFLINPV
TD(MSE)LLLVWDNPLLVKVKKDLEDSGVGKEQV(MSE)DVFRIIDPCENINTRFNTDNIAVVYSIYDQIVGEEKNAIFV
EKIKKAGLKKILEYHAGHLNILRVPKLSNDIYEFF(MSE)SCL
;
_entity_poly.pdbx_strand_id   A
#
# COMPACT_ATOMS: atom_id res chain seq x y z
N MSE A 1 15.84 10.88 13.95
CA MSE A 1 15.15 12.20 13.74
C MSE A 1 14.65 12.82 15.02
O MSE A 1 14.44 12.15 16.05
CB MSE A 1 13.91 12.10 12.86
CG MSE A 1 14.11 11.34 11.53
SE MSE A 1 15.29 12.34 10.29
CE MSE A 1 14.03 12.97 8.90
N ASN A 2 14.43 14.12 14.94
CA ASN A 2 13.93 14.88 16.08
C ASN A 2 12.42 14.69 16.24
N GLU A 3 11.96 14.70 17.49
CA GLU A 3 10.57 14.42 17.79
C GLU A 3 9.62 15.47 17.27
N ALA A 4 9.86 16.71 17.64
CA ALA A 4 8.95 17.80 17.37
C ALA A 4 8.89 18.07 15.87
N SER A 5 10.07 18.05 15.26
CA SER A 5 10.26 18.09 13.80
C SER A 5 9.48 17.01 13.04
N SER A 6 9.61 15.76 13.47
CA SER A 6 8.83 14.66 12.87
C SER A 6 7.32 14.85 13.03
N LYS A 7 6.89 15.30 14.22
CA LYS A 7 5.48 15.56 14.44
C LYS A 7 4.98 16.67 13.52
N PHE A 8 5.79 17.70 13.33
CA PHE A 8 5.40 18.84 12.49
C PHE A 8 5.18 18.45 11.01
N VAL A 9 6.09 17.61 10.48
CA VAL A 9 5.97 17.16 9.11
C VAL A 9 4.64 16.48 8.91
N ASP A 10 4.37 15.53 9.79
CA ASP A 10 3.16 14.73 9.67
C ASP A 10 1.93 15.64 9.75
N ASN A 11 1.90 16.50 10.77
CA ASN A 11 0.76 17.41 10.96
C ASN A 11 0.48 18.39 9.84
N ILE A 12 1.50 19.06 9.30
CA ILE A 12 1.20 19.96 8.14
C ILE A 12 0.79 19.22 6.86
N ALA A 13 1.25 17.97 6.71
CA ALA A 13 0.82 17.17 5.56
C ALA A 13 -0.66 16.77 5.76
N ILE A 14 -1.04 16.41 6.98
CA ILE A 14 -2.48 16.13 7.28
C ILE A 14 -3.36 17.36 6.93
N GLU A 15 -2.92 18.52 7.37
CA GLU A 15 -3.70 19.73 7.25
C GLU A 15 -3.86 20.15 5.82
N LYS A 16 -2.78 20.03 5.07
CA LYS A 16 -2.81 20.36 3.66
C LYS A 16 -3.73 19.44 2.91
N LEU A 17 -3.56 18.14 3.15
CA LEU A 17 -4.40 17.13 2.52
C LEU A 17 -5.86 17.33 2.82
N LEU A 18 -6.20 17.61 4.07
CA LEU A 18 -7.59 17.87 4.45
C LEU A 18 -8.16 19.11 3.77
N ASN A 19 -7.39 20.18 3.81
CA ASN A 19 -7.90 21.49 3.41
C ASN A 19 -7.87 21.70 1.93
N GLU A 20 -6.79 21.34 1.27
CA GLU A 20 -6.73 21.43 -0.17
C GLU A 20 -7.53 20.32 -0.87
N LYS A 21 -7.90 19.23 -0.18
CA LYS A 21 -8.43 18.05 -0.89
C LYS A 21 -9.61 17.37 -0.25
N LEU A 22 -9.38 16.70 0.87
CA LEU A 22 -10.38 15.78 1.41
C LEU A 22 -11.68 16.43 1.91
N LEU A 23 -11.62 17.65 2.47
CA LEU A 23 -12.83 18.36 2.94
C LEU A 23 -13.62 19.02 1.81
N ARG A 24 -13.09 19.01 0.58
CA ARG A 24 -13.76 19.66 -0.57
C ARG A 24 -14.58 18.73 -1.44
N VAL A 25 -14.62 17.45 -1.12
CA VAL A 25 -15.38 16.50 -1.90
C VAL A 25 -16.34 15.80 -0.97
N SER A 26 -17.26 15.08 -1.59
CA SER A 26 -18.29 14.39 -0.89
C SER A 26 -18.77 13.18 -1.72
N HIS A 27 -19.14 12.11 -1.01
CA HIS A 27 -19.47 10.86 -1.64
C HIS A 27 -20.57 10.10 -0.89
N ARG A 28 -21.31 9.29 -1.64
CA ARG A 28 -22.40 8.50 -1.10
C ARG A 28 -21.93 7.05 -1.02
N PRO A 29 -22.33 6.32 0.03
CA PRO A 29 -22.32 4.86 -0.09
C PRO A 29 -23.46 4.45 -1.03
N LYS A 30 -23.38 3.28 -1.65
CA LYS A 30 -24.33 2.98 -2.71
C LYS A 30 -25.00 1.62 -2.55
N ASN A 31 -24.22 0.55 -2.67
CA ASN A 31 -24.80 -0.79 -2.57
C ASN A 31 -23.84 -1.69 -1.82
N LEU A 32 -24.17 -1.93 -0.57
CA LEU A 32 -23.27 -2.64 0.28
C LEU A 32 -23.65 -4.11 0.26
N PHE A 33 -23.38 -4.73 -0.89
CA PHE A 33 -23.63 -6.15 -1.13
C PHE A 33 -22.31 -6.72 -1.64
N TYR A 34 -21.88 -7.78 -1.02
CA TYR A 34 -20.58 -8.35 -1.29
C TYR A 34 -20.62 -9.76 -0.77
N ASP A 35 -19.85 -10.62 -1.41
CA ASP A 35 -19.75 -12.00 -0.99
C ASP A 35 -18.25 -12.24 -0.80
N ASP A 36 -17.91 -12.66 0.40
CA ASP A 36 -16.53 -12.95 0.76
C ASP A 36 -16.08 -14.32 0.31
N GLU A 37 -16.99 -15.19 -0.04
CA GLU A 37 -16.66 -16.59 -0.22
C GLU A 37 -15.51 -16.96 -1.15
N LYS A 38 -15.29 -16.26 -2.27
CA LYS A 38 -14.31 -16.78 -3.27
C LYS A 38 -13.27 -15.76 -3.73
N VAL A 39 -13.05 -14.79 -2.86
CA VAL A 39 -12.49 -13.50 -3.25
C VAL A 39 -11.06 -13.56 -3.83
N PHE A 40 -10.26 -14.52 -3.39
CA PHE A 40 -8.92 -14.65 -3.94
C PHE A 40 -8.64 -16.03 -4.51
N ASP A 41 -9.65 -16.77 -4.97
CA ASP A 41 -9.39 -18.12 -5.47
C ASP A 41 -8.70 -18.14 -6.84
N ASP A 42 -8.92 -17.06 -7.60
CA ASP A 42 -8.28 -16.83 -8.88
C ASP A 42 -6.79 -16.62 -8.76
N LEU A 43 -6.39 -16.07 -7.61
CA LEU A 43 -5.20 -15.20 -7.56
C LEU A 43 -3.91 -15.84 -8.08
N CYS A 44 -3.69 -17.11 -7.76
CA CYS A 44 -2.55 -17.93 -8.24
C CYS A 44 -2.54 -18.10 -9.76
N LYS A 45 -3.73 -18.11 -10.36
CA LYS A 45 -3.97 -18.44 -11.78
C LYS A 45 -3.65 -17.30 -12.76
N CYS A 46 -3.99 -16.08 -12.36
CA CYS A 46 -3.80 -14.88 -13.17
C CYS A 46 -2.39 -14.74 -13.74
N GLU A 47 -2.27 -14.43 -15.02
CA GLU A 47 -0.97 -14.28 -15.65
C GLU A 47 -0.97 -13.11 -16.63
N THR A 48 0.01 -12.23 -16.48
CA THR A 48 0.15 -11.07 -17.35
C THR A 48 0.48 -11.50 -18.78
N ASP A 49 -0.24 -10.90 -19.71
CA ASP A 49 -0.18 -11.20 -21.11
C ASP A 49 0.87 -10.27 -21.69
N MSE A 50 2.02 -10.81 -22.10
CA MSE A 50 3.17 -9.97 -22.51
C MSE A 50 2.96 -9.21 -23.80
O MSE A 50 3.67 -8.22 -24.06
CB MSE A 50 4.50 -10.74 -22.59
CG MSE A 50 4.94 -11.38 -21.28
SE MSE A 50 5.50 -10.10 -19.86
CE MSE A 50 7.21 -9.63 -20.75
N SER A 51 1.99 -9.64 -24.61
CA SER A 51 1.63 -8.93 -25.85
C SER A 51 0.98 -7.62 -25.50
N LYS A 52 0.22 -7.63 -24.39
CA LYS A 52 -0.48 -6.44 -23.90
C LYS A 52 0.33 -5.51 -22.96
N VAL A 53 1.61 -5.82 -22.76
CA VAL A 53 2.54 -4.91 -22.09
C VAL A 53 3.08 -3.85 -23.05
N LYS A 54 3.35 -2.65 -22.51
CA LYS A 54 4.03 -1.56 -23.22
C LYS A 54 5.15 -1.01 -22.34
N LEU A 55 6.15 -0.40 -22.95
CA LEU A 55 7.25 0.21 -22.20
C LEU A 55 7.49 1.63 -22.75
N ALA A 56 7.31 2.63 -21.89
CA ALA A 56 7.31 4.01 -22.29
C ALA A 56 8.46 4.72 -21.56
N GLU A 57 9.21 5.55 -22.30
CA GLU A 57 10.41 6.26 -21.77
C GLU A 57 10.07 7.76 -21.63
N ASN A 61 13.17 9.75 -21.03
CA ASN A 61 13.82 10.26 -19.81
C ASN A 61 13.76 9.36 -18.52
N LEU A 62 12.82 8.41 -18.48
CA LEU A 62 12.45 7.67 -17.23
C LEU A 62 11.47 6.58 -17.66
N LYS A 63 11.56 5.39 -17.07
CA LYS A 63 10.98 4.16 -17.66
C LYS A 63 9.73 3.63 -16.93
N ARG A 64 8.76 3.22 -17.71
CA ARG A 64 7.44 2.94 -17.24
C ARG A 64 6.79 1.80 -18.00
N PHE A 65 6.54 0.69 -17.30
CA PHE A 65 5.75 -0.37 -17.90
C PHE A 65 4.28 -0.07 -17.69
N GLU A 66 3.50 -0.39 -18.70
CA GLU A 66 2.08 -0.22 -18.68
C GLU A 66 1.47 -1.56 -19.00
N PHE A 67 0.44 -1.97 -18.28
CA PHE A 67 -0.27 -3.22 -18.60
C PHE A 67 -1.65 -3.28 -17.97
N PRO A 68 -2.55 -4.08 -18.60
CA PRO A 68 -3.91 -4.29 -18.08
C PRO A 68 -3.97 -4.77 -16.63
N SER A 69 -4.82 -4.14 -15.80
CA SER A 69 -5.19 -4.66 -14.49
C SER A 69 -6.17 -5.85 -14.73
N PHE A 70 -5.93 -6.97 -14.04
CA PHE A 70 -6.84 -8.12 -14.09
C PHE A 70 -8.27 -7.77 -13.69
N LEU A 71 -8.47 -6.76 -12.85
CA LEU A 71 -9.83 -6.29 -12.52
C LEU A 71 -10.14 -4.97 -13.19
N LYS A 72 -10.84 -5.03 -14.31
CA LYS A 72 -11.45 -3.86 -14.95
C LYS A 72 -12.40 -3.18 -13.99
N THR A 73 -12.38 -1.85 -13.99
CA THR A 73 -13.55 -1.04 -13.61
C THR A 73 -14.04 -0.22 -14.79
N GLU A 74 -15.03 -0.75 -15.51
CA GLU A 74 -15.57 -0.13 -16.73
C GLU A 74 -15.93 1.37 -16.59
N GLU A 75 -16.47 1.79 -15.44
CA GLU A 75 -16.81 3.21 -15.18
C GLU A 75 -15.61 4.14 -15.22
N TYR A 76 -14.48 3.66 -14.72
CA TYR A 76 -13.27 4.45 -14.53
C TYR A 76 -12.18 3.88 -15.43
N ILE A 77 -12.10 4.44 -16.63
CA ILE A 77 -11.35 3.84 -17.72
C ILE A 77 -9.85 3.99 -17.48
N GLU A 78 -9.45 5.10 -16.86
CA GLU A 78 -8.04 5.47 -16.63
C GLU A 78 -7.31 4.58 -15.63
N ASN A 79 -8.08 3.79 -14.88
CA ASN A 79 -7.60 3.01 -13.76
C ASN A 79 -7.28 1.58 -14.16
N ASN A 80 -7.80 1.15 -15.30
CA ASN A 80 -7.66 -0.25 -15.77
C ASN A 80 -6.27 -0.60 -16.33
N ILE A 81 -5.38 0.40 -16.40
CA ILE A 81 -3.97 0.15 -16.63
C ILE A 81 -3.16 0.35 -15.33
N VAL A 82 -2.26 -0.59 -15.09
CA VAL A 82 -1.30 -0.50 -14.03
C VAL A 82 -0.06 0.13 -14.64
N TYR A 83 0.56 1.04 -13.87
CA TYR A 83 1.82 1.69 -14.25
C TYR A 83 2.90 1.33 -13.22
N LEU A 84 4.11 1.09 -13.72
CA LEU A 84 5.16 0.51 -12.93
C LEU A 84 6.48 1.11 -13.36
N TYR A 85 7.09 1.92 -12.50
CA TYR A 85 8.30 2.70 -12.79
C TYR A 85 9.55 1.96 -12.47
N TYR A 86 10.41 1.80 -13.46
CA TYR A 86 11.56 0.92 -13.37
C TYR A 86 12.81 1.73 -13.06
N HIS A 87 13.43 1.47 -11.91
CA HIS A 87 14.64 2.18 -11.49
C HIS A 87 15.73 1.15 -11.32
N PRO A 88 16.45 0.88 -12.40
CA PRO A 88 17.36 -0.23 -12.36
C PRO A 88 18.66 0.10 -11.63
N ALA A 89 19.17 -0.91 -10.94
CA ALA A 89 20.48 -0.84 -10.33
C ALA A 89 21.53 -1.32 -11.35
N LYS A 90 22.76 -0.84 -11.17
CA LYS A 90 23.96 -1.43 -11.81
C LYS A 90 24.41 -2.66 -11.02
N ASP A 91 24.48 -3.82 -11.68
CA ASP A 91 24.86 -5.11 -11.05
C ASP A 91 23.89 -5.60 -9.95
N PRO A 92 22.59 -5.74 -10.30
CA PRO A 92 21.56 -5.99 -9.29
C PRO A 92 21.54 -7.43 -8.72
N VAL A 93 21.39 -7.53 -7.40
CA VAL A 93 21.10 -8.80 -6.73
C VAL A 93 19.60 -9.13 -6.57
N CYS A 94 18.71 -8.14 -6.63
CA CYS A 94 17.32 -8.35 -6.21
C CYS A 94 16.40 -7.31 -6.77
N ASN A 95 15.15 -7.67 -6.96
CA ASN A 95 14.09 -6.73 -7.33
C ASN A 95 13.27 -6.30 -6.13
N ILE A 96 12.96 -5.02 -6.02
CA ILE A 96 11.91 -4.57 -5.10
C ILE A 96 10.69 -4.10 -5.83
N LEU A 97 9.52 -4.60 -5.43
CA LEU A 97 8.25 -3.97 -5.81
C LEU A 97 7.77 -3.05 -4.67
N LEU A 98 7.60 -1.79 -5.00
CA LEU A 98 7.44 -0.77 -4.01
C LEU A 98 6.10 -0.12 -4.20
N LEU A 99 5.31 -0.14 -3.13
CA LEU A 99 3.99 0.44 -3.13
C LEU A 99 3.94 1.63 -2.19
N HIS A 100 3.35 2.69 -2.69
CA HIS A 100 3.27 3.97 -2.02
C HIS A 100 2.02 4.10 -1.11
N GLY A 101 1.83 5.29 -0.55
CA GLY A 101 0.77 5.51 0.47
C GLY A 101 -0.48 6.11 -0.15
N LEU A 102 -1.47 6.29 0.69
CA LEU A 102 -2.78 6.75 0.26
C LEU A 102 -2.79 8.25 0.07
N TYR A 103 -3.51 8.65 -0.97
CA TYR A 103 -3.47 10.01 -1.54
C TYR A 103 -2.13 10.61 -1.92
N ASP A 104 -1.10 9.80 -2.06
CA ASP A 104 0.14 10.27 -2.61
C ASP A 104 -0.14 10.88 -3.99
N ASP A 105 0.50 12.01 -4.29
CA ASP A 105 0.47 12.57 -5.64
C ASP A 105 1.84 13.08 -6.12
N ASN A 106 2.91 12.62 -5.51
CA ASN A 106 4.26 13.08 -5.79
C ASN A 106 5.30 11.94 -5.65
N MSE A 107 5.55 11.29 -6.78
CA MSE A 107 6.52 10.21 -6.91
C MSE A 107 7.89 10.58 -6.42
O MSE A 107 8.58 9.76 -5.82
CB MSE A 107 6.56 9.85 -8.40
CG MSE A 107 6.96 8.40 -8.62
SE MSE A 107 5.41 7.26 -8.30
CE MSE A 107 4.66 7.69 -10.08
N LEU A 108 8.31 11.81 -6.66
CA LEU A 108 9.61 12.26 -6.22
C LEU A 108 9.93 12.07 -4.73
N ASN A 109 8.92 12.05 -3.83
CA ASN A 109 9.18 11.77 -2.40
C ASN A 109 9.84 10.44 -2.12
N TYR A 110 9.74 9.50 -3.04
CA TYR A 110 10.37 8.18 -2.93
C TYR A 110 11.80 8.09 -3.48
N GLY A 111 12.30 9.18 -4.09
CA GLY A 111 13.59 9.16 -4.78
C GLY A 111 14.81 8.92 -3.91
N PHE A 112 14.76 9.32 -2.65
CA PHE A 112 15.91 9.16 -1.76
C PHE A 112 16.08 7.69 -1.46
N LEU A 113 14.95 7.04 -1.21
CA LEU A 113 14.87 5.64 -0.91
C LEU A 113 15.27 4.79 -2.15
N THR A 114 14.61 5.05 -3.27
CA THR A 114 14.88 4.39 -4.53
C THR A 114 16.36 4.38 -4.93
N ARG A 115 16.98 5.55 -4.77
CA ARG A 115 18.38 5.73 -5.00
C ARG A 115 19.22 4.89 -4.08
N MSE A 116 19.00 5.08 -2.79
CA MSE A 116 19.82 4.36 -1.80
C MSE A 116 19.75 2.85 -1.93
O MSE A 116 20.76 2.18 -1.72
CB MSE A 116 19.45 4.81 -0.40
CG MSE A 116 20.17 6.12 -0.14
SE MSE A 116 20.30 6.20 1.80
CE MSE A 116 21.90 5.07 2.16
N LEU A 117 18.58 2.34 -2.29
CA LEU A 117 18.34 0.96 -2.60
C LEU A 117 19.04 0.54 -3.90
N ASN A 118 18.94 1.37 -4.93
CA ASN A 118 19.70 1.21 -6.19
C ASN A 118 21.22 1.04 -5.92
N GLU A 119 21.81 1.85 -5.03
CA GLU A 119 23.21 1.69 -4.59
C GLU A 119 23.55 0.38 -3.90
N LEU A 120 22.61 -0.15 -3.12
CA LEU A 120 22.72 -1.48 -2.49
C LEU A 120 22.40 -2.65 -3.40
N LYS A 121 22.20 -2.37 -4.69
CA LYS A 121 22.09 -3.34 -5.81
C LYS A 121 20.68 -3.93 -5.96
N PHE A 122 19.68 -3.13 -5.63
CA PHE A 122 18.29 -3.44 -5.88
C PHE A 122 17.72 -2.74 -7.12
N ASN A 123 17.05 -3.50 -7.98
CA ASN A 123 16.13 -2.88 -8.93
C ASN A 123 14.89 -2.46 -8.17
N VAL A 124 14.40 -1.23 -8.37
CA VAL A 124 13.15 -0.84 -7.78
C VAL A 124 12.11 -0.60 -8.85
N PHE A 125 10.98 -1.30 -8.70
CA PHE A 125 9.78 -1.07 -9.47
C PHE A 125 8.77 -0.41 -8.56
N LEU A 126 8.29 0.76 -8.94
CA LEU A 126 7.34 1.51 -8.10
C LEU A 126 6.01 1.44 -8.81
N MSE A 127 5.02 0.79 -8.20
CA MSE A 127 3.69 0.63 -8.78
C MSE A 127 2.75 1.72 -8.31
O MSE A 127 2.64 2.01 -7.07
CB MSE A 127 3.14 -0.71 -8.33
CG MSE A 127 1.88 -1.20 -9.05
SE MSE A 127 1.10 -2.85 -8.22
CE MSE A 127 0.00 -1.87 -6.87
N GLU A 128 2.02 2.30 -9.28
CA GLU A 128 0.90 3.20 -9.02
C GLU A 128 -0.30 2.43 -8.53
N LEU A 129 -0.95 2.93 -7.47
CA LEU A 129 -2.04 2.23 -6.82
C LEU A 129 -3.30 2.63 -7.56
N PRO A 130 -4.30 1.74 -7.65
CA PRO A 130 -5.55 2.14 -8.29
C PRO A 130 -6.09 3.54 -7.84
N PHE A 131 -6.70 4.25 -8.80
CA PHE A 131 -7.24 5.59 -8.64
C PHE A 131 -6.24 6.68 -8.30
N HIS A 132 -4.93 6.37 -8.30
CA HIS A 132 -3.84 7.35 -7.97
C HIS A 132 -3.00 7.71 -9.21
N PHE A 133 -2.36 8.88 -9.22
CA PHE A 133 -1.45 9.24 -10.34
C PHE A 133 -2.13 9.09 -11.70
N ASN A 134 -1.48 8.44 -12.67
CA ASN A 134 -2.06 8.26 -14.01
C ASN A 134 -3.27 7.36 -14.01
N ARG A 135 -3.46 6.59 -12.90
CA ARG A 135 -4.69 5.77 -12.71
C ARG A 135 -5.92 6.54 -12.20
N LYS A 136 -5.80 7.86 -12.02
CA LYS A 136 -6.91 8.67 -11.53
C LYS A 136 -7.94 8.99 -12.62
N PRO A 137 -9.25 8.80 -12.32
CA PRO A 137 -10.28 9.08 -13.30
C PRO A 137 -10.41 10.55 -13.50
N ALA A 138 -10.68 10.99 -14.72
CA ALA A 138 -10.61 12.39 -15.04
C ALA A 138 -11.63 13.23 -14.27
N GLU A 139 -12.74 12.64 -13.85
CA GLU A 139 -13.72 13.36 -13.03
C GLU A 139 -13.32 13.51 -11.55
N SER A 140 -12.27 12.80 -11.12
CA SER A 140 -11.79 12.83 -9.72
C SER A 140 -10.95 14.07 -9.41
N PHE A 141 -11.26 14.73 -8.31
CA PHE A 141 -10.55 15.94 -7.92
C PHE A 141 -9.06 15.74 -7.60
N PHE A 142 -8.67 14.56 -7.07
CA PHE A 142 -7.26 14.31 -6.69
C PHE A 142 -6.88 12.87 -6.68
N SER A 143 -5.59 12.66 -6.81
CA SER A 143 -5.00 11.34 -6.74
C SER A 143 -5.46 10.58 -5.46
N GLY A 144 -6.02 9.40 -5.66
CA GLY A 144 -6.46 8.55 -4.56
C GLY A 144 -7.88 8.75 -4.02
N GLU A 145 -8.56 9.82 -4.38
CA GLU A 145 -9.90 10.14 -3.87
C GLU A 145 -10.85 8.96 -3.87
N TYR A 146 -10.87 8.23 -4.98
CA TYR A 146 -11.83 7.14 -5.19
C TYR A 146 -11.47 5.83 -4.49
N PHE A 147 -10.21 5.74 -4.06
CA PHE A 147 -9.72 4.62 -3.26
C PHE A 147 -10.33 4.52 -1.88
N ILE A 148 -10.25 5.56 -1.06
CA ILE A 148 -11.00 5.60 0.21
C ILE A 148 -11.89 6.85 0.25
N SER A 149 -13.19 6.62 0.06
CA SER A 149 -14.23 7.63 0.06
C SER A 149 -15.44 6.89 0.62
N ALA A 150 -16.54 7.59 0.85
CA ALA A 150 -17.78 6.95 1.33
C ALA A 150 -18.39 5.94 0.38
N ASP A 151 -17.91 5.90 -0.87
CA ASP A 151 -18.19 4.79 -1.78
C ASP A 151 -17.38 3.55 -1.38
N LEU A 152 -17.93 2.88 -0.36
CA LEU A 152 -17.25 1.80 0.33
C LEU A 152 -17.02 0.58 -0.52
N LEU A 153 -17.95 0.27 -1.41
CA LEU A 153 -17.79 -0.89 -2.28
C LEU A 153 -16.65 -0.59 -3.23
N ARG A 154 -16.57 0.64 -3.72
CA ARG A 154 -15.48 1.07 -4.58
C ARG A 154 -14.15 1.01 -3.86
N ALA A 155 -14.14 1.39 -2.58
CA ALA A 155 -12.94 1.33 -1.76
C ALA A 155 -12.48 -0.09 -1.52
N ARG A 156 -13.42 -0.92 -1.11
CA ARG A 156 -13.20 -2.35 -0.99
C ARG A 156 -12.63 -2.95 -2.30
N ASN A 157 -13.24 -2.63 -3.43
CA ASN A 157 -12.79 -3.19 -4.74
C ASN A 157 -11.43 -2.64 -5.13
N ALA A 158 -11.13 -1.40 -4.78
CA ALA A 158 -9.81 -0.85 -5.05
C ALA A 158 -8.71 -1.55 -4.27
N PHE A 159 -8.98 -1.86 -3.01
CA PHE A 159 -8.02 -2.60 -2.21
C PHE A 159 -7.79 -3.99 -2.83
N ILE A 160 -8.88 -4.66 -3.19
CA ILE A 160 -8.83 -5.96 -3.83
C ILE A 160 -8.01 -5.93 -5.15
N GLN A 161 -8.25 -4.90 -5.94
CA GLN A 161 -7.57 -4.67 -7.19
C GLN A 161 -6.08 -4.55 -7.01
N SER A 162 -5.69 -3.82 -5.98
CA SER A 162 -4.27 -3.58 -5.65
C SER A 162 -3.56 -4.89 -5.49
N ILE A 163 -4.28 -5.83 -4.90
CA ILE A 163 -3.71 -7.13 -4.67
C ILE A 163 -3.53 -7.87 -5.95
N TYR A 164 -4.48 -7.76 -6.86
CA TYR A 164 -4.32 -8.40 -8.16
C TYR A 164 -3.23 -7.70 -8.96
N ASP A 165 -3.04 -6.39 -8.73
CA ASP A 165 -2.00 -5.65 -9.41
C ASP A 165 -0.58 -5.98 -8.94
N ILE A 166 -0.45 -6.32 -7.66
CA ILE A 166 0.80 -6.82 -7.17
C ILE A 166 1.16 -8.08 -7.96
N GLU A 167 0.20 -8.98 -8.08
CA GLU A 167 0.37 -10.24 -8.79
C GLU A 167 0.83 -10.02 -10.23
N ALA A 168 0.12 -9.15 -10.93
CA ALA A 168 0.46 -8.77 -12.27
C ALA A 168 1.88 -8.21 -12.31
N SER A 169 2.21 -7.35 -11.36
CA SER A 169 3.51 -6.70 -11.37
C SER A 169 4.59 -7.74 -11.11
N ARG A 170 4.28 -8.69 -10.25
CA ARG A 170 5.22 -9.70 -9.87
C ARG A 170 5.52 -10.63 -11.04
N ASN A 171 4.44 -11.11 -11.66
CA ASN A 171 4.52 -11.95 -12.83
C ASN A 171 5.36 -11.21 -13.92
N LEU A 172 5.07 -9.92 -14.11
CA LEU A 172 5.80 -9.14 -15.10
C LEU A 172 7.28 -9.19 -14.78
N ILE A 173 7.61 -8.75 -13.56
CA ILE A 173 8.99 -8.70 -13.08
C ILE A 173 9.72 -10.03 -13.29
N GLY A 174 9.01 -11.14 -13.08
CA GLY A 174 9.57 -12.49 -13.27
C GLY A 174 10.03 -12.74 -14.69
N ASN A 175 9.40 -12.05 -15.65
CA ASN A 175 9.78 -12.11 -17.06
C ASN A 175 10.91 -11.19 -17.49
N ILE A 176 11.16 -10.14 -16.72
CA ILE A 176 12.28 -9.22 -16.99
C ILE A 176 13.61 -9.83 -16.59
N ASN A 177 13.63 -10.51 -15.47
CA ASN A 177 14.81 -11.18 -14.99
C ASN A 177 14.40 -12.27 -14.03
N THR A 178 15.38 -13.07 -13.65
CA THR A 178 15.17 -14.20 -12.79
C THR A 178 15.66 -13.90 -11.39
N LEU A 179 16.02 -12.67 -11.09
CA LEU A 179 16.41 -12.32 -9.72
C LEU A 179 15.25 -12.53 -8.71
N PRO A 180 15.58 -12.75 -7.44
CA PRO A 180 14.53 -12.75 -6.42
C PRO A 180 13.91 -11.40 -6.19
N CYS A 181 12.73 -11.42 -5.57
CA CYS A 181 11.90 -10.24 -5.37
C CYS A 181 11.46 -10.00 -3.93
N LEU A 182 11.49 -8.76 -3.51
CA LEU A 182 10.97 -8.35 -2.22
C LEU A 182 9.78 -7.45 -2.47
N LEU A 183 8.76 -7.59 -1.65
CA LEU A 183 7.63 -6.66 -1.65
C LEU A 183 7.83 -5.64 -0.54
N VAL A 184 7.77 -4.36 -0.89
CA VAL A 184 7.91 -3.30 0.08
C VAL A 184 6.71 -2.35 0.01
N GLY A 185 6.10 -2.13 1.16
CA GLY A 185 4.88 -1.36 1.23
C GLY A 185 5.03 -0.22 2.23
N PHE A 186 4.76 1.00 1.77
CA PHE A 186 4.75 2.12 2.65
C PHE A 186 3.29 2.52 2.97
N SER A 187 3.00 2.69 4.28
CA SER A 187 1.72 3.19 4.77
C SER A 187 0.59 2.29 4.28
N MSE A 188 -0.38 2.83 3.59
CA MSE A 188 -1.45 2.01 3.03
C MSE A 188 -0.89 0.97 2.13
O MSE A 188 -1.41 -0.14 2.14
CB MSE A 188 -2.43 2.94 2.30
CG MSE A 188 -3.48 2.25 1.46
SE MSE A 188 -4.71 1.27 2.63
CE MSE A 188 -5.65 2.85 3.33
N GLY A 189 0.16 1.26 1.37
CA GLY A 189 0.81 0.26 0.54
C GLY A 189 1.33 -0.87 1.37
N GLY A 190 1.74 -0.53 2.59
CA GLY A 190 2.11 -1.53 3.61
C GLY A 190 1.00 -2.49 4.03
N CYS A 191 -0.17 -1.94 4.32
CA CYS A 191 -1.30 -2.75 4.71
C CYS A 191 -1.66 -3.68 3.54
N ILE A 192 -1.74 -3.12 2.36
CA ILE A 192 -2.01 -3.92 1.17
C ILE A 192 -0.99 -5.04 1.03
N SER A 193 0.28 -4.72 1.14
CA SER A 193 1.33 -5.72 0.95
C SER A 193 1.23 -6.80 1.98
N PHE A 194 0.92 -6.41 3.19
CA PHE A 194 0.73 -7.39 4.27
C PHE A 194 -0.32 -8.46 3.82
N ARG A 195 -1.43 -8.00 3.24
CA ARG A 195 -2.53 -8.88 2.90
C ARG A 195 -2.09 -9.79 1.78
N TYR A 196 -1.43 -9.21 0.78
CA TYR A 196 -0.89 -9.99 -0.32
C TYR A 196 0.03 -11.07 0.18
N HIS A 197 0.89 -10.73 1.13
CA HIS A 197 1.82 -11.72 1.75
C HIS A 197 1.10 -12.94 2.33
N MSE A 198 -0.01 -12.70 3.02
CA MSE A 198 -0.79 -13.77 3.62
C MSE A 198 -1.40 -14.63 2.54
O MSE A 198 -1.52 -15.87 2.67
CB MSE A 198 -1.89 -13.20 4.51
CG MSE A 198 -1.33 -12.44 5.68
SE MSE A 198 -2.72 -11.35 6.57
CE MSE A 198 -4.11 -12.68 6.67
N LEU A 199 -1.80 -14.01 1.45
CA LEU A 199 -2.39 -14.75 0.34
C LEU A 199 -1.44 -15.52 -0.53
N ARG A 200 -0.21 -15.05 -0.70
CA ARG A 200 0.68 -15.59 -1.79
C ARG A 200 2.14 -15.64 -1.33
N ASP A 201 2.82 -16.73 -1.61
CA ASP A 201 4.22 -16.89 -1.22
C ASP A 201 5.06 -16.81 -2.51
N SER A 202 4.95 -15.68 -3.18
CA SER A 202 5.58 -15.45 -4.47
C SER A 202 6.80 -14.52 -4.34
N PHE A 203 7.03 -13.92 -3.16
CA PHE A 203 8.18 -13.10 -2.91
C PHE A 203 9.17 -13.77 -1.98
N LYS A 204 10.46 -13.47 -2.08
CA LYS A 204 11.41 -13.93 -1.08
C LYS A 204 11.00 -13.44 0.32
N GLY A 205 10.52 -12.20 0.40
CA GLY A 205 10.06 -11.66 1.65
C GLY A 205 9.35 -10.34 1.41
N THR A 206 8.77 -9.83 2.49
CA THR A 206 7.96 -8.62 2.48
C THR A 206 8.33 -7.72 3.67
N PHE A 207 8.42 -6.40 3.41
CA PHE A 207 8.96 -5.43 4.32
C PHE A 207 7.95 -4.35 4.32
N LEU A 208 7.33 -4.08 5.49
CA LEU A 208 6.29 -3.05 5.65
C LEU A 208 6.87 -1.84 6.34
N ILE A 209 6.50 -0.65 5.89
CA ILE A 209 7.11 0.59 6.36
C ILE A 209 6.00 1.51 6.88
N ASN A 210 5.96 1.69 8.20
CA ASN A 210 4.88 2.42 8.89
C ASN A 210 3.56 2.09 8.29
N PRO A 211 3.19 0.81 8.27
CA PRO A 211 1.95 0.49 7.63
C PRO A 211 0.71 1.02 8.35
N VAL A 212 -0.36 1.14 7.59
CA VAL A 212 -1.70 1.24 8.14
C VAL A 212 -1.99 -0.07 8.86
N THR A 213 -2.54 0.00 10.06
CA THR A 213 -2.68 -1.16 10.97
C THR A 213 -4.01 -1.86 11.02
N ASP A 214 -5.08 -1.21 10.57
CA ASP A 214 -6.43 -1.74 10.76
C ASP A 214 -7.41 -1.05 9.79
N MSE A 215 -7.88 -1.79 8.79
CA MSE A 215 -8.82 -1.27 7.82
C MSE A 215 -10.24 -1.28 8.31
O MSE A 215 -11.08 -0.62 7.73
CB MSE A 215 -8.83 -2.12 6.55
CG MSE A 215 -7.52 -2.09 5.84
SE MSE A 215 -7.16 -0.31 5.16
CE MSE A 215 -8.82 0.06 4.20
N LEU A 216 -10.53 -2.05 9.35
CA LEU A 216 -11.88 -2.02 9.96
C LEU A 216 -12.19 -0.67 10.55
N LEU A 217 -11.21 -0.06 11.22
CA LEU A 217 -11.47 1.14 12.02
C LEU A 217 -10.90 2.39 11.39
N LEU A 218 -10.22 2.22 10.26
CA LEU A 218 -9.48 3.24 9.58
C LEU A 218 -10.28 4.48 9.37
N VAL A 219 -11.47 4.31 8.84
CA VAL A 219 -12.35 5.43 8.52
C VAL A 219 -12.97 6.08 9.74
N TRP A 220 -13.23 5.25 10.74
CA TRP A 220 -13.84 5.76 11.95
C TRP A 220 -12.87 6.62 12.73
N ASP A 221 -11.58 6.28 12.75
CA ASP A 221 -10.62 6.94 13.64
C ASP A 221 -9.55 7.78 12.97
N ASN A 222 -9.14 7.47 11.74
CA ASN A 222 -8.04 8.17 11.14
C ASN A 222 -8.46 9.60 10.84
N PRO A 223 -7.61 10.59 11.22
CA PRO A 223 -8.05 11.98 11.15
C PRO A 223 -8.13 12.52 9.73
N LEU A 224 -7.43 11.92 8.77
CA LEU A 224 -7.63 12.25 7.35
C LEU A 224 -9.07 11.95 6.86
N LEU A 225 -9.76 11.04 7.53
CA LEU A 225 -10.98 10.45 7.03
C LEU A 225 -12.23 11.00 7.69
N VAL A 226 -12.04 12.06 8.47
CA VAL A 226 -13.10 12.66 9.27
C VAL A 226 -14.39 13.03 8.48
N LYS A 227 -14.25 13.41 7.21
CA LYS A 227 -15.42 13.71 6.37
C LYS A 227 -15.97 12.47 5.65
N VAL A 228 -15.13 11.48 5.40
CA VAL A 228 -15.62 10.22 4.86
C VAL A 228 -16.60 9.64 5.89
N LYS A 229 -16.20 9.66 7.16
CA LYS A 229 -17.06 9.20 8.25
C LYS A 229 -18.37 9.97 8.34
N LYS A 230 -18.27 11.30 8.30
CA LYS A 230 -19.45 12.16 8.25
C LYS A 230 -20.40 11.85 7.11
N ASP A 231 -19.86 11.72 5.89
CA ASP A 231 -20.66 11.34 4.71
C ASP A 231 -21.49 10.12 5.04
N LEU A 232 -20.86 9.18 5.74
CA LEU A 232 -21.47 7.89 6.07
C LEU A 232 -22.47 7.98 7.18
N GLU A 233 -22.16 8.77 8.20
CA GLU A 233 -23.08 9.00 9.30
C GLU A 233 -24.40 9.67 8.85
N ASP A 234 -24.28 10.63 7.94
CA ASP A 234 -25.44 11.27 7.30
C ASP A 234 -26.24 10.33 6.39
N SER A 235 -25.59 9.30 5.87
CA SER A 235 -26.27 8.28 5.06
C SER A 235 -26.82 7.10 5.90
N GLY A 236 -26.76 7.21 7.22
CA GLY A 236 -27.26 6.18 8.11
C GLY A 236 -26.42 4.91 8.10
N VAL A 237 -25.17 5.00 7.62
CA VAL A 237 -24.26 3.86 7.65
C VAL A 237 -23.53 3.95 8.98
N GLY A 238 -23.55 2.84 9.73
CA GLY A 238 -22.93 2.79 11.03
C GLY A 238 -21.63 2.02 11.03
N LYS A 239 -20.89 2.22 12.11
CA LYS A 239 -19.63 1.55 12.34
C LYS A 239 -19.58 0.11 11.90
N GLU A 240 -20.55 -0.69 12.33
CA GLU A 240 -20.47 -2.13 12.16
C GLU A 240 -20.49 -2.51 10.69
N GLN A 241 -21.26 -1.77 9.91
CA GLN A 241 -21.34 -2.01 8.47
C GLN A 241 -20.02 -1.78 7.77
N VAL A 242 -19.37 -0.69 8.15
CA VAL A 242 -18.05 -0.34 7.63
C VAL A 242 -17.02 -1.42 7.97
N MSE A 243 -16.95 -1.83 9.22
CA MSE A 243 -16.00 -2.87 9.60
C MSE A 243 -16.19 -4.10 8.74
O MSE A 243 -15.24 -4.65 8.20
CB MSE A 243 -16.14 -3.19 11.08
CG MSE A 243 -15.69 -2.00 11.97
SE MSE A 243 -16.07 -2.50 13.84
CE MSE A 243 -14.41 -3.45 14.30
N ASP A 244 -17.44 -4.50 8.59
CA ASP A 244 -17.81 -5.64 7.80
C ASP A 244 -17.36 -5.62 6.34
N VAL A 245 -17.51 -4.47 5.71
CA VAL A 245 -17.20 -4.36 4.31
C VAL A 245 -15.70 -4.55 4.06
N PHE A 246 -14.87 -4.27 5.08
CA PHE A 246 -13.44 -4.37 4.96
C PHE A 246 -12.84 -5.63 5.61
N ARG A 247 -13.65 -6.44 6.27
CA ARG A 247 -13.14 -7.61 6.96
C ARG A 247 -12.23 -8.47 6.11
N ILE A 248 -12.67 -8.81 4.89
CA ILE A 248 -11.89 -9.72 4.03
C ILE A 248 -10.58 -9.12 3.53
N ILE A 249 -10.45 -7.80 3.52
CA ILE A 249 -9.22 -7.15 3.02
C ILE A 249 -8.19 -6.76 4.09
N ASP A 250 -8.61 -6.84 5.37
CA ASP A 250 -7.82 -6.39 6.50
C ASP A 250 -6.85 -7.46 6.92
N PRO A 251 -5.57 -7.08 7.13
CA PRO A 251 -4.61 -8.12 7.54
C PRO A 251 -4.84 -8.80 8.89
N CYS A 252 -4.98 -8.01 9.93
CA CYS A 252 -5.16 -8.52 11.25
C CYS A 252 -6.41 -9.37 11.43
N GLU A 253 -7.50 -8.95 10.82
CA GLU A 253 -8.71 -9.75 10.83
C GLU A 253 -8.50 -11.15 10.30
N ASN A 254 -7.58 -11.34 9.34
CA ASN A 254 -7.39 -12.64 8.69
C ASN A 254 -6.13 -13.33 9.10
N ILE A 255 -5.52 -12.77 10.12
CA ILE A 255 -4.16 -13.14 10.49
C ILE A 255 -4.00 -14.63 10.92
N ASN A 256 -5.07 -15.32 11.28
CA ASN A 256 -4.91 -16.73 11.61
C ASN A 256 -4.72 -17.69 10.45
N THR A 257 -4.83 -17.23 9.21
CA THR A 257 -4.54 -18.08 8.06
C THR A 257 -3.11 -18.56 8.02
N ARG A 258 -2.92 -19.60 7.21
CA ARG A 258 -1.64 -20.24 7.03
C ARG A 258 -0.77 -19.40 6.12
N PHE A 259 0.26 -18.78 6.69
CA PHE A 259 1.29 -18.11 5.89
C PHE A 259 2.65 -18.09 6.56
N ASN A 260 3.63 -17.69 5.79
CA ASN A 260 4.99 -17.53 6.27
C ASN A 260 5.18 -16.25 7.14
N THR A 261 5.51 -16.42 8.42
CA THR A 261 5.68 -15.30 9.37
C THR A 261 7.14 -14.97 9.68
N ASP A 262 8.04 -15.70 9.04
CA ASP A 262 9.48 -15.50 9.21
C ASP A 262 10.10 -14.50 8.24
N ASN A 263 9.56 -14.46 7.01
CA ASN A 263 10.02 -13.58 5.93
C ASN A 263 9.17 -12.33 5.74
N ILE A 264 8.72 -11.78 6.84
CA ILE A 264 8.04 -10.50 6.79
C ILE A 264 8.56 -9.66 7.94
N ALA A 265 9.02 -8.44 7.59
CA ALA A 265 9.62 -7.50 8.52
C ALA A 265 8.73 -6.29 8.55
N VAL A 266 8.66 -5.65 9.70
CA VAL A 266 7.82 -4.50 9.90
C VAL A 266 8.62 -3.44 10.59
N VAL A 267 8.60 -2.23 10.05
CA VAL A 267 9.03 -1.01 10.74
C VAL A 267 7.86 -0.15 11.11
N TYR A 268 7.79 0.28 12.37
CA TYR A 268 6.92 1.39 12.73
C TYR A 268 7.70 2.53 13.36
N SER A 269 7.05 3.68 13.42
CA SER A 269 7.67 4.89 13.80
C SER A 269 7.00 5.48 15.06
N ILE A 270 7.80 5.86 16.06
CA ILE A 270 7.28 6.22 17.36
C ILE A 270 6.66 7.60 17.42
N TYR A 271 6.95 8.47 16.45
CA TYR A 271 6.38 9.83 16.35
C TYR A 271 5.24 9.90 15.35
N ASP A 272 4.79 8.75 14.88
CA ASP A 272 3.85 8.68 13.78
C ASP A 272 2.52 9.35 14.27
N GLN A 273 2.10 10.40 13.58
CA GLN A 273 0.85 11.13 13.95
C GLN A 273 -0.36 10.71 13.17
N ILE A 274 -0.16 9.88 12.17
CA ILE A 274 -1.24 9.48 11.27
C ILE A 274 -1.88 8.18 11.76
N VAL A 275 -1.02 7.28 12.15
CA VAL A 275 -1.36 6.00 12.69
C VAL A 275 -1.48 6.18 14.22
N GLY A 276 -0.52 6.85 14.86
CA GLY A 276 -0.51 7.08 16.32
C GLY A 276 0.03 5.89 17.11
N GLU A 277 0.46 6.15 18.34
CA GLU A 277 1.07 5.09 19.17
C GLU A 277 0.11 4.00 19.65
N GLU A 278 -1.15 4.32 19.89
CA GLU A 278 -2.11 3.28 20.32
C GLU A 278 -2.34 2.21 19.27
N LYS A 279 -2.67 2.66 18.06
CA LYS A 279 -2.91 1.73 16.94
C LYS A 279 -1.67 0.83 16.64
N ASN A 280 -0.49 1.42 16.73
CA ASN A 280 0.75 0.68 16.63
C ASN A 280 0.98 -0.36 17.71
N ALA A 281 0.65 -0.04 18.95
CA ALA A 281 0.78 -0.99 20.07
C ALA A 281 -0.20 -2.13 19.88
N ILE A 282 -1.40 -1.84 19.44
CA ILE A 282 -2.32 -2.90 19.12
C ILE A 282 -1.82 -3.74 17.95
N PHE A 283 -1.31 -3.09 16.93
CA PHE A 283 -0.82 -3.81 15.72
C PHE A 283 0.35 -4.71 16.12
N VAL A 284 1.24 -4.16 16.90
CA VAL A 284 2.42 -4.92 17.30
C VAL A 284 2.06 -6.17 18.11
N GLU A 285 1.14 -6.01 19.06
CA GLU A 285 0.71 -7.10 19.91
C GLU A 285 0.08 -8.18 19.04
N LYS A 286 -0.77 -7.78 18.12
CA LYS A 286 -1.44 -8.76 17.29
C LYS A 286 -0.45 -9.45 16.35
N ILE A 287 0.51 -8.74 15.79
CA ILE A 287 1.45 -9.44 14.90
C ILE A 287 2.41 -10.37 15.67
N LYS A 288 2.79 -10.02 16.90
CA LYS A 288 3.53 -11.00 17.77
C LYS A 288 2.78 -12.28 18.13
N LYS A 289 1.49 -12.13 18.39
CA LYS A 289 0.64 -13.25 18.74
C LYS A 289 0.51 -14.24 17.57
N ALA A 290 0.75 -13.75 16.36
CA ALA A 290 0.74 -14.58 15.18
C ALA A 290 2.10 -15.06 14.78
N GLY A 291 3.19 -14.55 15.37
CA GLY A 291 4.52 -15.14 15.19
C GLY A 291 5.55 -14.46 14.28
N LEU A 292 5.31 -13.17 14.03
CA LEU A 292 6.25 -12.30 13.41
C LEU A 292 7.26 -11.87 14.45
N LYS A 293 8.48 -11.64 14.00
CA LYS A 293 9.64 -11.37 14.86
C LYS A 293 10.41 -10.14 14.47
N LYS A 294 10.50 -9.89 13.18
CA LYS A 294 11.32 -8.79 12.70
C LYS A 294 10.47 -7.54 12.77
N ILE A 295 10.60 -6.85 13.89
CA ILE A 295 9.86 -5.65 14.18
C ILE A 295 10.79 -4.57 14.66
N LEU A 296 10.86 -3.45 13.94
CA LEU A 296 11.84 -2.43 14.23
C LEU A 296 11.17 -1.14 14.56
N GLU A 297 11.53 -0.56 15.72
CA GLU A 297 11.09 0.77 16.12
C GLU A 297 11.99 1.77 15.45
N TYR A 298 11.42 2.81 14.84
CA TYR A 298 12.18 3.95 14.35
C TYR A 298 11.79 5.23 15.10
N HIS A 299 12.75 6.15 15.12
CA HIS A 299 12.66 7.43 15.81
C HIS A 299 12.37 8.43 14.71
N ALA A 300 11.14 8.36 14.21
CA ALA A 300 10.69 9.12 13.06
C ALA A 300 9.20 9.24 13.16
N GLY A 301 8.61 10.07 12.32
CA GLY A 301 7.18 10.08 12.10
C GLY A 301 6.82 9.28 10.85
N HIS A 302 5.60 9.50 10.37
CA HIS A 302 5.01 8.67 9.36
C HIS A 302 5.68 8.88 7.98
N LEU A 303 5.90 10.16 7.62
CA LEU A 303 6.42 10.58 6.31
C LEU A 303 7.91 10.79 6.21
N ASN A 304 8.49 11.47 7.20
CA ASN A 304 9.91 11.75 7.17
C ASN A 304 10.83 10.52 7.13
N ILE A 305 10.29 9.37 7.51
CA ILE A 305 11.06 8.15 7.45
C ILE A 305 11.59 7.85 6.02
N LEU A 306 10.95 8.39 4.99
CA LEU A 306 11.38 8.19 3.59
C LEU A 306 12.69 8.86 3.25
N ARG A 307 13.14 9.76 4.12
CA ARG A 307 14.38 10.50 4.00
C ARG A 307 15.37 9.99 5.02
N VAL A 308 15.10 8.83 5.64
CA VAL A 308 16.01 8.30 6.66
C VAL A 308 16.96 7.26 6.04
N PRO A 309 18.28 7.46 6.17
CA PRO A 309 19.27 6.57 5.52
C PRO A 309 19.20 5.12 5.94
N LYS A 310 18.99 4.89 7.23
CA LYS A 310 19.00 3.53 7.83
C LYS A 310 18.01 2.55 7.18
N LEU A 311 16.94 3.11 6.62
CA LEU A 311 15.84 2.36 6.02
C LEU A 311 16.32 1.46 4.92
N SER A 312 17.05 2.02 3.98
CA SER A 312 17.70 1.23 2.93
C SER A 312 18.52 0.07 3.49
N ASN A 313 19.29 0.36 4.53
CA ASN A 313 20.19 -0.60 5.13
C ASN A 313 19.46 -1.74 5.82
N ASP A 314 18.32 -1.47 6.49
CA ASP A 314 17.54 -2.52 7.12
C ASP A 314 16.87 -3.46 6.11
N ILE A 315 16.40 -2.87 5.01
CA ILE A 315 15.86 -3.65 3.89
C ILE A 315 16.98 -4.57 3.35
N TYR A 316 18.21 -4.07 3.31
CA TYR A 316 19.31 -4.89 2.83
C TYR A 316 19.60 -5.96 3.85
N GLU A 317 19.73 -5.60 5.12
CA GLU A 317 19.89 -6.62 6.17
C GLU A 317 18.81 -7.70 6.06
N PHE A 318 17.57 -7.27 5.91
CA PHE A 318 16.44 -8.18 5.76
C PHE A 318 16.61 -9.11 4.55
N PHE A 319 16.82 -8.55 3.37
CA PHE A 319 17.17 -9.41 2.22
C PHE A 319 18.24 -10.48 2.54
N MSE A 320 19.28 -10.08 3.27
CA MSE A 320 20.40 -10.97 3.66
C MSE A 320 20.19 -11.89 4.88
O MSE A 320 21.02 -12.77 5.10
CB MSE A 320 21.63 -10.11 3.99
CG MSE A 320 22.38 -9.49 2.79
SE MSE A 320 22.51 -10.64 1.17
CE MSE A 320 24.01 -11.84 1.62
N SER A 321 19.11 -11.72 5.65
CA SER A 321 18.98 -12.36 6.97
C SER A 321 18.56 -13.82 6.89
N CYS A 322 18.58 -14.48 8.05
CA CYS A 322 17.96 -15.82 8.27
C CYS A 322 16.44 -15.66 8.22
N LEU A 323 15.77 -16.43 7.36
CA LEU A 323 14.32 -16.27 7.12
C LEU A 323 13.56 -17.53 7.56
#